data_5U3S
#
_entry.id   5U3S
#
_cell.length_a   39.550
_cell.length_b   94.190
_cell.length_c   96.320
_cell.angle_alpha   90.00
_cell.angle_beta   98.08
_cell.angle_gamma   90.00
#
_symmetry.space_group_name_H-M   'P 1 21 1'
#
loop_
_entity.id
_entity.type
_entity.pdbx_description
1 polymer 'Peroxisome proliferator-activated receptor delta'
2 non-polymer '6-[2-({[4-(furan-3-yl)benzene-1-carbonyl](propan-2-yl)amino}methyl)phenoxy]hexanoic acid'
3 non-polymer 'heptyl beta-D-glucopyranoside'
4 non-polymer S-1,2-PROPANEDIOL
5 non-polymer DI(HYDROXYETHYL)ETHER
6 non-polymer 'POTASSIUM ION'
7 water water
#
_entity_poly.entity_id   1
_entity_poly.type   'polypeptide(L)'
_entity_poly.pdbx_seq_one_letter_code
;PQVADLKAFSKHIYNAYLKNFNMTKKKARSILTGKASHTAPFVIHDIETLWQAEKGLVWKQLVNGLPPYKEISVHVFYRC
QCTTVETVRELTEFAKSIPSFSSLFLNDQVTLLKYGVHEAIFAMLASIVNKDGLLVANGSGFVTREFLRSLRKPFSDIIE
PKFEFAVKFNALELDDSDLALFIAAIILCGDRPGLMNVPRVEAIQDTILRALEFHLQANHPDAQYLFPKLLQKMADLRQL
VTEHAQMMQRIKKTETETSLHPLLQEIYKDMY
;
_entity_poly.pdbx_strand_id   A,B
#
# COMPACT_ATOMS: atom_id res chain seq x y z
N PRO A 1 -23.80 -18.16 -17.28
CA PRO A 1 -23.69 -16.80 -16.75
C PRO A 1 -22.51 -16.71 -15.79
N GLN A 2 -22.59 -17.47 -14.70
CA GLN A 2 -21.50 -17.51 -13.73
C GLN A 2 -20.20 -17.94 -14.39
N VAL A 3 -20.26 -19.01 -15.22
CA VAL A 3 -19.06 -19.52 -15.85
C VAL A 3 -18.52 -18.50 -16.85
N ALA A 4 -19.42 -17.74 -17.49
CA ALA A 4 -18.99 -16.74 -18.45
C ALA A 4 -18.26 -15.59 -17.76
N ASP A 5 -18.87 -14.97 -16.75
CA ASP A 5 -18.21 -13.83 -16.14
C ASP A 5 -16.86 -14.23 -15.54
N LEU A 6 -16.79 -15.41 -14.94
CA LEU A 6 -15.56 -15.82 -14.28
C LEU A 6 -14.45 -16.06 -15.28
N LYS A 7 -14.80 -16.42 -16.52
CA LYS A 7 -13.79 -16.59 -17.56
C LYS A 7 -13.11 -15.26 -17.86
N ALA A 8 -13.90 -14.21 -18.04
CA ALA A 8 -13.34 -12.88 -18.28
C ALA A 8 -12.48 -12.43 -17.10
N PHE A 9 -13.01 -12.61 -15.88
CA PHE A 9 -12.28 -12.29 -14.65
C PHE A 9 -10.91 -12.95 -14.63
N SER A 10 -10.86 -14.24 -14.95
CA SER A 10 -9.60 -14.97 -15.00
C SER A 10 -8.63 -14.35 -15.99
N LYS A 11 -9.14 -13.97 -17.17
CA LYS A 11 -8.30 -13.39 -18.21
C LYS A 11 -7.65 -12.08 -17.74
N HIS A 12 -8.41 -11.23 -17.05
N HIS A 12 -8.41 -11.23 -17.03
CA HIS A 12 -7.81 -10.01 -16.51
CA HIS A 12 -7.81 -10.00 -16.50
C HIS A 12 -6.70 -10.36 -15.52
C HIS A 12 -6.74 -10.30 -15.46
N ILE A 13 -6.96 -11.30 -14.62
CA ILE A 13 -5.92 -11.70 -13.67
C ILE A 13 -4.69 -12.24 -14.40
N TYR A 14 -4.91 -13.03 -15.43
CA TYR A 14 -3.78 -13.51 -16.23
C TYR A 14 -3.02 -12.35 -16.84
N ASN A 15 -3.72 -11.34 -17.37
CA ASN A 15 -3.02 -10.18 -17.93
C ASN A 15 -2.23 -9.44 -16.87
N ALA A 16 -2.78 -9.32 -15.65
CA ALA A 16 -2.05 -8.71 -14.56
C ALA A 16 -0.78 -9.50 -14.27
N TYR A 17 -0.86 -10.81 -14.43
CA TYR A 17 0.28 -11.67 -14.18
C TYR A 17 1.32 -11.45 -15.26
N LEU A 18 0.91 -11.59 -16.53
CA LEU A 18 1.83 -11.44 -17.65
C LEU A 18 2.44 -10.05 -17.71
N LYS A 19 1.73 -9.06 -17.19
CA LYS A 19 2.22 -7.70 -17.20
C LYS A 19 3.27 -7.43 -16.14
N ASN A 20 3.28 -8.16 -15.03
CA ASN A 20 4.08 -7.75 -13.88
C ASN A 20 5.23 -8.66 -13.47
N PHE A 21 5.20 -9.93 -13.84
CA PHE A 21 6.26 -10.84 -13.36
C PHE A 21 7.40 -10.92 -14.35
N ASN A 22 8.63 -10.93 -13.85
CA ASN A 22 9.76 -10.80 -14.78
C ASN A 22 9.96 -12.08 -15.58
N MET A 23 9.64 -13.22 -15.00
CA MET A 23 9.73 -14.47 -15.73
C MET A 23 8.48 -15.29 -15.60
N THR A 24 8.00 -15.81 -16.72
CA THR A 24 6.93 -16.79 -16.77
C THR A 24 7.46 -18.20 -16.50
N LYS A 25 6.57 -19.07 -16.02
CA LYS A 25 6.92 -20.48 -15.94
C LYS A 25 7.20 -21.04 -17.34
N LYS A 26 6.40 -20.65 -18.34
CA LYS A 26 6.69 -21.12 -19.69
C LYS A 26 8.14 -20.79 -20.08
N LYS A 27 8.60 -19.58 -19.77
N LYS A 27 8.58 -19.57 -19.79
CA LYS A 27 9.97 -19.23 -20.13
CA LYS A 27 9.96 -19.24 -20.13
C LYS A 27 10.98 -19.99 -19.27
C LYS A 27 10.93 -20.04 -19.29
N ALA A 28 10.67 -20.18 -18.00
CA ALA A 28 11.57 -20.91 -17.10
C ALA A 28 11.73 -22.37 -17.54
N ARG A 29 10.63 -23.05 -17.83
CA ARG A 29 10.79 -24.46 -18.19
C ARG A 29 11.56 -24.57 -19.49
N SER A 30 11.47 -23.55 -20.36
CA SER A 30 12.17 -23.67 -21.63
C SER A 30 13.67 -23.58 -21.41
N ILE A 31 14.10 -22.81 -20.41
CA ILE A 31 15.51 -22.71 -20.10
C ILE A 31 15.98 -23.95 -19.37
N LEU A 32 15.24 -24.35 -18.34
CA LEU A 32 15.62 -25.50 -17.55
C LEU A 32 15.64 -26.80 -18.35
N THR A 33 14.92 -26.88 -19.46
CA THR A 33 15.02 -28.07 -20.29
C THR A 33 15.88 -27.85 -21.51
N GLY A 34 16.48 -26.67 -21.67
CA GLY A 34 17.31 -26.36 -22.81
C GLY A 34 16.70 -26.67 -24.17
N LYS A 35 15.44 -26.29 -24.36
CA LYS A 35 14.70 -26.74 -25.54
C LYS A 35 15.06 -25.97 -26.80
N ALA A 36 15.45 -24.72 -26.68
CA ALA A 36 15.28 -23.77 -27.77
C ALA A 36 16.55 -23.10 -28.24
N SER A 37 17.49 -22.85 -27.33
CA SER A 37 18.22 -21.59 -27.33
C SER A 37 19.70 -21.74 -27.72
N HIS A 38 20.30 -20.58 -27.99
CA HIS A 38 21.73 -20.45 -28.23
C HIS A 38 22.51 -20.19 -26.95
N THR A 39 21.82 -19.87 -25.88
CA THR A 39 22.39 -19.48 -24.60
C THR A 39 21.94 -20.50 -23.56
N ALA A 40 22.86 -20.99 -22.74
CA ALA A 40 22.48 -21.87 -21.67
C ALA A 40 22.85 -21.24 -20.35
N PRO A 41 22.11 -21.49 -19.25
CA PRO A 41 22.51 -20.91 -17.97
C PRO A 41 23.90 -21.37 -17.54
N PHE A 42 24.69 -20.43 -17.02
CA PHE A 42 25.95 -20.78 -16.34
C PHE A 42 25.66 -21.50 -15.04
N VAL A 43 26.34 -22.63 -14.78
CA VAL A 43 25.98 -23.50 -13.68
C VAL A 43 26.86 -23.17 -12.50
N ILE A 44 26.22 -22.82 -11.39
CA ILE A 44 26.92 -22.42 -10.17
C ILE A 44 26.82 -23.59 -9.21
N HIS A 45 27.94 -24.24 -8.94
CA HIS A 45 27.88 -25.45 -8.13
C HIS A 45 28.92 -25.52 -7.02
N ASP A 46 29.81 -24.54 -6.93
CA ASP A 46 30.84 -24.53 -5.90
C ASP A 46 31.32 -23.08 -5.75
N ILE A 47 32.37 -22.86 -4.96
CA ILE A 47 32.79 -21.49 -4.69
C ILE A 47 33.35 -20.88 -5.95
N GLU A 48 34.16 -21.61 -6.69
CA GLU A 48 34.82 -21.02 -7.84
C GLU A 48 33.78 -20.51 -8.82
N THR A 49 32.74 -21.30 -9.12
CA THR A 49 31.78 -20.88 -10.13
C THR A 49 30.89 -19.76 -9.61
N LEU A 50 30.59 -19.76 -8.33
CA LEU A 50 29.87 -18.63 -7.76
C LEU A 50 30.61 -17.33 -8.02
N TRP A 51 31.94 -17.36 -7.86
CA TRP A 51 32.75 -16.17 -8.06
C TRP A 51 32.76 -15.79 -9.54
N GLN A 52 32.93 -16.78 -10.41
CA GLN A 52 32.92 -16.49 -11.83
C GLN A 52 31.59 -15.87 -12.25
N ALA A 53 30.48 -16.25 -11.58
CA ALA A 53 29.17 -15.70 -11.91
C ALA A 53 29.06 -14.25 -11.46
N GLU A 54 29.53 -13.94 -10.25
CA GLU A 54 29.57 -12.56 -9.78
C GLU A 54 30.53 -11.72 -10.62
N LYS A 55 31.54 -12.34 -11.21
N LYS A 55 31.57 -12.33 -11.17
CA LYS A 55 32.46 -11.63 -12.10
CA LYS A 55 32.60 -11.60 -11.89
C LYS A 55 31.91 -11.51 -13.52
C LYS A 55 32.05 -10.92 -13.14
N GLY A 56 30.87 -12.28 -13.89
N GLY A 56 30.94 -11.44 -13.68
CA GLY A 56 30.43 -12.38 -15.26
CA GLY A 56 30.40 -10.95 -14.94
C GLY A 56 28.94 -12.20 -15.52
C GLY A 56 29.68 -12.02 -15.73
N LEU A 57 28.08 -12.77 -14.68
N LEU A 57 30.06 -13.29 -15.58
CA LEU A 57 26.65 -12.64 -14.94
CA LEU A 57 29.36 -14.33 -16.32
C LEU A 57 26.12 -11.29 -14.46
C LEU A 57 27.86 -14.35 -16.03
N VAL A 58 25.04 -10.83 -15.11
N VAL A 58 27.39 -13.71 -14.96
CA VAL A 58 24.39 -9.58 -14.76
CA VAL A 58 25.98 -13.69 -14.63
C VAL A 58 23.28 -9.86 -13.76
C VAL A 58 25.56 -12.30 -14.17
N TRP A 59 23.38 -9.23 -12.61
N TRP A 59 26.24 -11.77 -13.14
CA TRP A 59 22.43 -9.42 -11.52
CA TRP A 59 26.00 -10.43 -12.65
C TRP A 59 21.56 -8.19 -11.40
C TRP A 59 27.06 -9.47 -13.20
N LYS A 60 20.26 -8.41 -11.19
N LYS A 60 26.60 -8.38 -13.81
CA LYS A 60 19.36 -7.28 -10.96
CA LYS A 60 27.51 -7.49 -14.53
C LYS A 60 19.93 -6.32 -9.93
C LYS A 60 28.31 -6.62 -13.55
N GLN A 61 20.49 -6.86 -8.85
N GLN A 61 28.95 -7.26 -12.57
CA GLN A 61 21.08 -6.09 -7.77
CA GLN A 61 30.15 -6.79 -11.91
C GLN A 61 22.61 -6.15 -7.87
C GLN A 61 30.07 -5.45 -11.19
N LEU A 62 23.23 -4.97 -7.86
N LEU A 62 28.96 -4.72 -11.29
CA LEU A 62 24.68 -4.88 -7.99
CA LEU A 62 28.99 -3.34 -10.83
C LEU A 62 25.37 -5.53 -6.79
C LEU A 62 29.16 -3.26 -9.31
N VAL A 63 26.41 -6.33 -7.06
N VAL A 63 29.62 -2.10 -8.85
CA VAL A 63 27.15 -6.98 -5.98
CA VAL A 63 29.80 -1.82 -7.42
C VAL A 63 27.67 -5.94 -5.00
C VAL A 63 28.50 -2.17 -6.73
N ASN A 64 28.20 -4.84 -5.51
N ASN A 64 28.51 -3.26 -5.96
CA ASN A 64 28.73 -3.79 -4.64
CA ASN A 64 27.27 -3.85 -5.46
C ASN A 64 27.63 -3.16 -3.80
C ASN A 64 26.88 -3.26 -4.12
N GLY A 65 26.37 -3.30 -4.20
N GLY A 65 25.58 -3.02 -3.96
CA GLY A 65 25.26 -2.77 -3.42
CA GLY A 65 24.99 -2.55 -2.73
C GLY A 65 24.82 -3.67 -2.29
C GLY A 65 24.50 -3.64 -1.80
N LEU A 66 25.08 -4.97 -2.37
N LEU A 66 24.82 -4.90 -2.09
CA LEU A 66 24.75 -5.87 -1.28
CA LEU A 66 24.61 -5.96 -1.11
C LEU A 66 25.50 -5.42 -0.03
C LEU A 66 25.31 -5.53 0.16
N PRO A 67 24.94 -5.67 1.15
N PRO A 67 24.80 -5.89 1.34
CA PRO A 67 25.65 -5.35 2.37
CA PRO A 67 25.53 -5.60 2.55
C PRO A 67 27.05 -5.93 2.30
C PRO A 67 26.96 -6.10 2.40
N PRO A 68 28.01 -5.35 3.03
N PRO A 68 27.94 -5.41 2.97
CA PRO A 68 29.40 -5.78 2.88
CA PRO A 68 29.33 -5.78 2.69
C PRO A 68 29.52 -7.28 2.95
C PRO A 68 29.55 -7.26 2.96
N TYR A 69 30.54 -7.80 2.28
CA TYR A 69 30.76 -9.24 2.26
C TYR A 69 31.01 -9.75 3.67
N LYS A 70 30.47 -10.93 3.97
CA LYS A 70 30.80 -11.63 5.21
C LYS A 70 31.42 -13.01 4.98
N GLU A 71 30.79 -13.89 4.19
CA GLU A 71 31.23 -15.28 3.94
C GLU A 71 30.29 -15.89 2.89
N ILE A 72 30.67 -17.05 2.37
CA ILE A 72 29.95 -17.63 1.24
C ILE A 72 28.49 -17.88 1.58
N SER A 73 28.23 -18.56 2.69
CA SER A 73 26.86 -18.95 2.98
C SER A 73 25.97 -17.71 3.13
N VAL A 74 26.51 -16.67 3.77
CA VAL A 74 25.83 -15.40 4.00
C VAL A 74 25.64 -14.66 2.69
N HIS A 75 26.66 -14.64 1.85
CA HIS A 75 26.50 -14.03 0.54
C HIS A 75 25.33 -14.63 -0.21
N VAL A 76 25.25 -15.97 -0.22
CA VAL A 76 24.14 -16.63 -0.90
C VAL A 76 22.82 -16.15 -0.30
N PHE A 77 22.80 -16.04 1.03
CA PHE A 77 21.62 -15.58 1.76
C PHE A 77 21.23 -14.18 1.33
N TYR A 78 22.22 -13.28 1.19
CA TYR A 78 21.97 -11.93 0.68
C TYR A 78 21.36 -11.95 -0.72
N ARG A 79 21.86 -12.80 -1.60
CA ARG A 79 21.24 -12.87 -2.93
C ARG A 79 19.82 -13.40 -2.84
N CYS A 80 19.57 -14.38 -1.93
CA CYS A 80 18.20 -14.87 -1.76
C CYS A 80 17.29 -13.74 -1.31
N GLN A 81 17.81 -12.87 -0.45
CA GLN A 81 17.04 -11.78 0.11
C GLN A 81 16.79 -10.69 -0.92
N CYS A 82 17.79 -10.37 -1.75
CA CYS A 82 17.57 -9.45 -2.89
C CYS A 82 16.45 -9.92 -3.80
N THR A 83 16.49 -11.16 -4.19
CA THR A 83 15.47 -11.64 -5.08
C THR A 83 14.10 -11.70 -4.40
N THR A 84 14.06 -12.02 -3.11
CA THR A 84 12.79 -12.00 -2.38
C THR A 84 12.17 -10.59 -2.40
N VAL A 85 12.97 -9.57 -2.08
CA VAL A 85 12.44 -8.20 -2.09
C VAL A 85 11.97 -7.80 -3.47
N GLU A 86 12.73 -8.17 -4.51
N GLU A 86 12.76 -8.15 -4.50
CA GLU A 86 12.31 -7.89 -5.88
CA GLU A 86 12.34 -7.93 -5.90
C GLU A 86 11.01 -8.60 -6.23
C GLU A 86 10.99 -8.57 -6.17
N THR A 87 10.82 -9.83 -5.75
CA THR A 87 9.56 -10.54 -5.97
C THR A 87 8.41 -9.91 -5.17
N VAL A 88 8.68 -9.37 -3.98
CA VAL A 88 7.65 -8.63 -3.27
C VAL A 88 7.20 -7.46 -4.12
N ARG A 89 8.13 -6.71 -4.71
CA ARG A 89 7.70 -5.60 -5.56
C ARG A 89 6.80 -6.09 -6.69
N GLU A 90 7.20 -7.18 -7.36
CA GLU A 90 6.39 -7.70 -8.47
C GLU A 90 5.00 -8.09 -8.00
N LEU A 91 4.92 -8.78 -6.87
CA LEU A 91 3.64 -9.22 -6.34
C LEU A 91 2.75 -8.05 -5.95
N THR A 92 3.34 -6.97 -5.45
CA THR A 92 2.63 -5.73 -5.18
C THR A 92 2.03 -5.16 -6.46
N GLU A 93 2.80 -5.13 -7.56
CA GLU A 93 2.20 -4.57 -8.78
C GLU A 93 1.16 -5.52 -9.35
N PHE A 94 1.40 -6.80 -9.27
CA PHE A 94 0.39 -7.77 -9.70
C PHE A 94 -0.91 -7.57 -8.93
N ALA A 95 -0.86 -7.58 -7.60
CA ALA A 95 -2.04 -7.29 -6.80
C ALA A 95 -2.66 -5.97 -7.20
N LYS A 96 -1.84 -4.94 -7.36
CA LYS A 96 -2.41 -3.65 -7.72
C LYS A 96 -3.08 -3.68 -9.10
N SER A 97 -2.69 -4.61 -9.97
CA SER A 97 -3.31 -4.70 -11.29
C SER A 97 -4.63 -5.46 -11.25
N ILE A 98 -5.04 -5.93 -10.07
CA ILE A 98 -6.32 -6.60 -9.87
C ILE A 98 -7.29 -5.57 -9.31
N PRO A 99 -8.31 -5.14 -10.06
CA PRO A 99 -9.14 -4.03 -9.58
C PRO A 99 -9.76 -4.23 -8.21
N SER A 100 -10.26 -5.42 -7.89
CA SER A 100 -10.83 -5.64 -6.57
C SER A 100 -9.77 -5.55 -5.47
N PHE A 101 -8.51 -5.78 -5.79
CA PHE A 101 -7.48 -5.57 -4.78
C PHE A 101 -7.27 -4.08 -4.58
N SER A 102 -7.14 -3.32 -5.68
CA SER A 102 -6.85 -1.91 -5.56
C SER A 102 -7.98 -1.14 -4.91
N SER A 103 -9.19 -1.70 -4.91
CA SER A 103 -10.35 -1.02 -4.33
C SER A 103 -10.34 -1.07 -2.82
N LEU A 104 -9.68 -2.08 -2.24
CA LEU A 104 -9.52 -2.14 -0.80
C LEU A 104 -8.78 -0.92 -0.30
N PHE A 105 -9.08 -0.51 0.92
CA PHE A 105 -8.30 0.54 1.52
C PHE A 105 -6.85 0.11 1.65
N LEU A 106 -5.97 1.07 1.47
CA LEU A 106 -4.55 0.73 1.34
C LEU A 106 -4.04 -0.11 2.50
N ASN A 107 -4.54 0.16 3.73
CA ASN A 107 -4.07 -0.58 4.90
C ASN A 107 -4.40 -2.07 4.79
N ASP A 108 -5.59 -2.39 4.25
CA ASP A 108 -5.88 -3.79 3.96
C ASP A 108 -4.99 -4.31 2.83
N GLN A 109 -4.64 -3.47 1.86
CA GLN A 109 -3.72 -3.99 0.84
C GLN A 109 -2.39 -4.38 1.46
N VAL A 110 -1.88 -3.57 2.38
CA VAL A 110 -0.62 -3.90 3.03
C VAL A 110 -0.73 -5.17 3.85
N THR A 111 -1.79 -5.31 4.63
CA THR A 111 -1.98 -6.53 5.43
C THR A 111 -1.97 -7.80 4.57
N LEU A 112 -2.70 -7.79 3.46
CA LEU A 112 -2.71 -8.97 2.61
C LEU A 112 -1.29 -9.30 2.11
N LEU A 113 -0.57 -8.29 1.66
CA LEU A 113 0.78 -8.55 1.13
C LEU A 113 1.70 -9.00 2.25
N LYS A 114 1.57 -8.36 3.40
CA LYS A 114 2.47 -8.67 4.49
C LYS A 114 2.41 -10.15 4.81
N TYR A 115 1.19 -10.70 4.91
CA TYR A 115 0.98 -12.09 5.30
C TYR A 115 0.86 -13.07 4.12
N GLY A 116 0.85 -12.57 2.90
CA GLY A 116 0.66 -13.39 1.71
C GLY A 116 1.89 -13.53 0.80
N VAL A 117 2.84 -12.60 0.79
CA VAL A 117 3.85 -12.65 -0.28
C VAL A 117 4.73 -13.87 -0.15
N HIS A 118 5.07 -14.26 1.08
CA HIS A 118 5.96 -15.41 1.18
C HIS A 118 5.29 -16.66 0.66
N GLU A 119 4.01 -16.86 0.98
CA GLU A 119 3.31 -18.01 0.37
C GLU A 119 3.35 -17.93 -1.15
N ALA A 120 3.03 -16.77 -1.69
CA ALA A 120 3.05 -16.64 -3.15
C ALA A 120 4.45 -16.88 -3.70
N ILE A 121 5.46 -16.34 -3.02
CA ILE A 121 6.83 -16.47 -3.50
C ILE A 121 7.19 -17.94 -3.60
N PHE A 122 6.90 -18.71 -2.55
CA PHE A 122 7.36 -20.08 -2.58
C PHE A 122 6.52 -20.94 -3.52
N ALA A 123 5.32 -20.50 -3.84
CA ALA A 123 4.54 -21.14 -4.89
C ALA A 123 5.15 -20.88 -6.26
N MET A 124 5.41 -19.60 -6.57
N MET A 124 5.42 -19.61 -6.56
CA MET A 124 6.01 -19.21 -7.83
CA MET A 124 6.00 -19.24 -7.86
C MET A 124 7.42 -19.75 -8.00
C MET A 124 7.44 -19.70 -8.01
N LEU A 125 8.14 -19.90 -6.90
CA LEU A 125 9.49 -20.46 -6.94
C LEU A 125 9.54 -21.76 -7.70
N ALA A 126 8.50 -22.57 -7.56
CA ALA A 126 8.47 -23.85 -8.24
C ALA A 126 8.64 -23.70 -9.73
N SER A 127 8.27 -22.54 -10.28
CA SER A 127 8.38 -22.36 -11.72
C SER A 127 9.83 -22.34 -12.21
N ILE A 128 10.79 -21.97 -11.35
CA ILE A 128 12.20 -21.83 -11.76
C ILE A 128 13.09 -22.95 -11.18
N VAL A 129 12.48 -24.02 -10.68
CA VAL A 129 13.10 -25.07 -9.88
C VAL A 129 12.92 -26.38 -10.63
N ASN A 130 13.96 -27.20 -10.66
CA ASN A 130 13.76 -28.63 -10.91
C ASN A 130 14.45 -29.36 -9.79
N LYS A 131 14.44 -30.69 -9.87
CA LYS A 131 14.95 -31.48 -8.76
C LYS A 131 16.41 -31.18 -8.48
N ASP A 132 17.12 -30.61 -9.46
CA ASP A 132 18.57 -30.45 -9.38
C ASP A 132 19.02 -29.04 -9.02
N GLY A 133 18.12 -28.06 -9.05
CA GLY A 133 18.50 -26.70 -8.71
C GLY A 133 17.50 -25.67 -9.23
N LEU A 134 17.93 -24.41 -9.26
CA LEU A 134 17.01 -23.39 -9.73
C LEU A 134 17.72 -22.30 -10.50
N LEU A 135 16.93 -21.58 -11.29
CA LEU A 135 17.42 -20.48 -12.11
C LEU A 135 17.68 -19.26 -11.26
N VAL A 136 18.72 -18.51 -11.63
CA VAL A 136 19.03 -17.23 -11.00
C VAL A 136 19.42 -16.26 -12.08
N ALA A 137 19.46 -14.99 -11.69
CA ALA A 137 19.82 -13.87 -12.55
C ALA A 137 19.02 -13.89 -13.83
N ASN A 138 17.70 -13.81 -13.66
CA ASN A 138 16.82 -13.73 -14.80
C ASN A 138 17.10 -14.86 -15.78
N GLY A 139 17.33 -16.04 -15.26
CA GLY A 139 17.58 -17.17 -16.16
C GLY A 139 18.99 -17.31 -16.68
N SER A 140 19.95 -16.46 -16.24
CA SER A 140 21.30 -16.48 -16.79
C SER A 140 22.19 -17.48 -16.09
N GLY A 141 21.78 -17.88 -14.88
CA GLY A 141 22.50 -18.91 -14.15
C GLY A 141 21.53 -19.95 -13.61
N PHE A 142 22.14 -21.02 -13.14
CA PHE A 142 21.43 -22.15 -12.55
C PHE A 142 22.25 -22.55 -11.34
N VAL A 143 21.70 -22.38 -10.14
CA VAL A 143 22.42 -22.77 -8.94
C VAL A 143 21.98 -24.15 -8.51
N THR A 144 22.94 -25.07 -8.30
CA THR A 144 22.56 -26.44 -8.02
C THR A 144 22.05 -26.60 -6.60
N ARG A 145 21.06 -27.50 -6.47
CA ARG A 145 20.55 -27.87 -5.17
C ARG A 145 21.65 -28.40 -4.29
N GLU A 146 22.53 -29.24 -4.83
CA GLU A 146 23.62 -29.81 -4.04
C GLU A 146 24.49 -28.73 -3.44
N PHE A 147 24.82 -27.72 -4.23
CA PHE A 147 25.63 -26.63 -3.70
C PHE A 147 24.95 -25.96 -2.53
N LEU A 148 23.65 -25.66 -2.69
CA LEU A 148 22.93 -25.01 -1.61
C LEU A 148 22.87 -25.89 -0.38
N ARG A 149 22.84 -27.22 -0.55
CA ARG A 149 22.82 -28.12 0.61
C ARG A 149 24.13 -28.06 1.36
N SER A 150 25.20 -27.69 0.64
CA SER A 150 26.54 -27.60 1.20
C SER A 150 26.78 -26.34 2.03
N LEU A 151 25.89 -25.37 2.03
CA LEU A 151 26.14 -24.21 2.87
C LEU A 151 25.97 -24.60 4.34
N ARG A 152 26.56 -23.80 5.22
CA ARG A 152 26.45 -24.17 6.61
C ARG A 152 25.03 -23.90 7.12
N LYS A 153 24.59 -24.71 8.06
CA LYS A 153 23.40 -24.38 8.83
C LYS A 153 23.65 -22.97 9.38
N PRO A 154 22.64 -22.16 9.48
CA PRO A 154 21.23 -22.39 9.18
C PRO A 154 20.83 -22.05 7.77
N PHE A 155 21.77 -21.82 6.86
CA PHE A 155 21.36 -21.36 5.54
C PHE A 155 20.99 -22.50 4.64
N SER A 156 21.66 -23.65 4.77
CA SER A 156 21.22 -24.82 4.02
C SER A 156 19.81 -25.27 4.45
N ASP A 157 19.51 -25.19 5.74
CA ASP A 157 18.25 -25.71 6.24
C ASP A 157 17.06 -24.88 5.82
N ILE A 158 17.23 -23.59 5.55
CA ILE A 158 16.11 -22.76 5.16
C ILE A 158 15.81 -22.91 3.67
N ILE A 159 16.71 -23.51 2.91
CA ILE A 159 16.55 -23.68 1.47
C ILE A 159 15.88 -25.01 1.13
N GLU A 160 16.40 -26.13 1.64
CA GLU A 160 15.97 -27.43 1.11
C GLU A 160 14.46 -27.67 1.17
N PRO A 161 13.72 -27.21 2.17
CA PRO A 161 12.27 -27.49 2.24
C PRO A 161 11.49 -26.93 1.09
N LYS A 162 11.99 -25.84 0.54
CA LYS A 162 11.36 -25.20 -0.60
C LYS A 162 11.48 -26.03 -1.86
N PHE A 163 12.63 -26.72 -2.04
CA PHE A 163 12.76 -27.67 -3.12
C PHE A 163 11.81 -28.84 -2.93
N GLU A 164 11.71 -29.33 -1.70
CA GLU A 164 10.79 -30.44 -1.45
C GLU A 164 9.39 -30.05 -1.88
N PHE A 165 8.97 -28.83 -1.50
CA PHE A 165 7.64 -28.38 -1.88
C PHE A 165 7.51 -28.27 -3.40
N ALA A 166 8.50 -27.63 -4.02
CA ALA A 166 8.44 -27.26 -5.43
C ALA A 166 8.34 -28.46 -6.35
N VAL A 167 9.09 -29.54 -6.04
CA VAL A 167 9.06 -30.73 -6.90
C VAL A 167 7.68 -31.37 -6.84
N LYS A 168 7.07 -31.43 -5.68
CA LYS A 168 5.73 -31.99 -5.60
C LYS A 168 4.74 -31.08 -6.29
N PHE A 169 4.88 -29.77 -6.12
CA PHE A 169 3.98 -28.81 -6.75
C PHE A 169 4.09 -28.84 -8.28
N ASN A 170 5.31 -28.94 -8.81
CA ASN A 170 5.47 -29.00 -10.26
C ASN A 170 4.84 -30.25 -10.86
N ALA A 171 4.71 -31.33 -10.09
CA ALA A 171 4.10 -32.54 -10.60
C ALA A 171 2.62 -32.36 -10.95
N LEU A 172 1.95 -31.35 -10.38
CA LEU A 172 0.59 -30.98 -10.77
C LEU A 172 0.54 -30.31 -12.13
N GLU A 173 1.67 -29.82 -12.63
CA GLU A 173 1.79 -29.39 -14.02
C GLU A 173 0.95 -28.14 -14.31
N LEU A 174 0.88 -27.19 -13.38
CA LEU A 174 0.18 -25.94 -13.66
C LEU A 174 0.90 -25.12 -14.71
N ASP A 175 0.13 -24.33 -15.47
CA ASP A 175 0.69 -23.35 -16.39
C ASP A 175 0.50 -21.96 -15.82
N ASP A 176 0.99 -20.96 -16.57
CA ASP A 176 1.01 -19.59 -16.06
C ASP A 176 -0.42 -19.07 -15.87
N SER A 177 -1.34 -19.47 -16.74
CA SER A 177 -2.74 -19.06 -16.55
C SER A 177 -3.33 -19.66 -15.26
N ASP A 178 -2.95 -20.91 -14.91
CA ASP A 178 -3.38 -21.45 -13.63
C ASP A 178 -2.73 -20.69 -12.47
N LEU A 179 -1.44 -20.40 -12.60
CA LEU A 179 -0.72 -19.81 -11.47
C LEU A 179 -1.24 -18.42 -11.17
N ALA A 180 -1.65 -17.67 -12.18
CA ALA A 180 -2.14 -16.33 -11.94
C ALA A 180 -3.30 -16.34 -11.00
N LEU A 181 -4.25 -17.24 -11.24
CA LEU A 181 -5.39 -17.43 -10.37
C LEU A 181 -4.97 -17.93 -9.01
N PHE A 182 -4.09 -18.93 -9.01
CA PHE A 182 -3.64 -19.53 -7.76
C PHE A 182 -2.96 -18.49 -6.87
N ILE A 183 -2.12 -17.65 -7.47
CA ILE A 183 -1.39 -16.64 -6.69
C ILE A 183 -2.36 -15.56 -6.23
N ALA A 184 -3.33 -15.23 -7.07
CA ALA A 184 -4.32 -14.24 -6.71
C ALA A 184 -5.09 -14.69 -5.48
N ALA A 185 -5.37 -16.00 -5.39
CA ALA A 185 -6.11 -16.56 -4.25
C ALA A 185 -5.29 -16.60 -2.98
N ILE A 186 -3.96 -16.74 -3.11
CA ILE A 186 -3.10 -16.64 -1.94
C ILE A 186 -3.10 -15.22 -1.38
N ILE A 187 -3.00 -14.22 -2.24
CA ILE A 187 -2.93 -12.83 -1.76
C ILE A 187 -4.27 -12.38 -1.19
N LEU A 188 -5.34 -12.57 -1.95
CA LEU A 188 -6.67 -12.14 -1.51
C LEU A 188 -7.27 -13.19 -0.58
N CYS A 189 -6.78 -13.19 0.65
CA CYS A 189 -7.05 -14.27 1.61
C CYS A 189 -7.68 -13.62 2.84
N GLY A 190 -8.92 -14.01 3.14
CA GLY A 190 -9.64 -13.33 4.18
C GLY A 190 -9.25 -13.73 5.58
N ASP A 191 -8.34 -14.70 5.72
CA ASP A 191 -7.89 -15.20 7.01
C ASP A 191 -6.77 -14.36 7.64
N ARG A 192 -6.21 -13.41 6.91
CA ARG A 192 -5.00 -12.74 7.37
C ARG A 192 -5.27 -11.93 8.62
N PRO A 193 -4.35 -11.91 9.58
CA PRO A 193 -4.60 -11.21 10.85
C PRO A 193 -4.63 -9.69 10.71
N GLY A 194 -5.57 -9.07 11.42
CA GLY A 194 -5.73 -7.62 11.45
C GLY A 194 -6.43 -7.02 10.24
N LEU A 195 -6.98 -7.84 9.37
CA LEU A 195 -7.75 -7.31 8.27
C LEU A 195 -8.88 -6.45 8.78
N MET A 196 -9.09 -5.33 8.09
CA MET A 196 -10.20 -4.47 8.45
C MET A 196 -11.50 -5.00 7.84
N ASN A 197 -11.53 -5.22 6.54
CA ASN A 197 -12.80 -5.57 5.87
C ASN A 197 -12.78 -7.03 5.45
N VAL A 198 -12.92 -7.90 6.46
CA VAL A 198 -12.85 -9.33 6.21
C VAL A 198 -13.90 -9.79 5.21
N PRO A 199 -15.16 -9.42 5.34
CA PRO A 199 -16.17 -10.00 4.43
C PRO A 199 -15.91 -9.63 3.00
N ARG A 200 -15.42 -8.42 2.75
CA ARG A 200 -15.08 -8.05 1.38
C ARG A 200 -13.95 -8.91 0.84
N VAL A 201 -12.89 -9.14 1.65
CA VAL A 201 -11.78 -9.96 1.19
C VAL A 201 -12.24 -11.41 0.99
N GLU A 202 -13.04 -11.94 1.91
CA GLU A 202 -13.57 -13.29 1.76
C GLU A 202 -14.34 -13.43 0.45
N ALA A 203 -15.18 -12.44 0.14
CA ALA A 203 -15.97 -12.49 -1.09
C ALA A 203 -15.08 -12.52 -2.33
N ILE A 204 -14.07 -11.65 -2.36
CA ILE A 204 -13.11 -11.68 -3.47
C ILE A 204 -12.44 -13.03 -3.56
N GLN A 205 -11.99 -13.56 -2.42
CA GLN A 205 -11.27 -14.82 -2.43
C GLN A 205 -12.15 -15.87 -3.04
N ASP A 206 -13.40 -15.89 -2.62
CA ASP A 206 -14.34 -16.88 -3.11
C ASP A 206 -14.56 -16.75 -4.62
N THR A 207 -14.67 -15.53 -5.14
CA THR A 207 -14.76 -15.32 -6.58
C THR A 207 -13.54 -15.88 -7.32
N ILE A 208 -12.35 -15.65 -6.78
CA ILE A 208 -11.15 -16.17 -7.44
C ILE A 208 -11.16 -17.69 -7.44
N LEU A 209 -11.51 -18.28 -6.30
CA LEU A 209 -11.53 -19.73 -6.20
C LEU A 209 -12.57 -20.34 -7.13
N ARG A 210 -13.75 -19.72 -7.28
CA ARG A 210 -14.68 -20.24 -8.27
C ARG A 210 -14.14 -20.06 -9.67
N ALA A 211 -13.43 -18.97 -9.93
CA ALA A 211 -12.88 -18.78 -11.27
C ALA A 211 -11.84 -19.85 -11.57
N LEU A 212 -11.06 -20.20 -10.56
CA LEU A 212 -10.02 -21.18 -10.74
C LEU A 212 -10.60 -22.57 -10.95
N GLU A 213 -11.65 -22.89 -10.19
CA GLU A 213 -12.38 -24.14 -10.34
C GLU A 213 -12.83 -24.33 -11.78
N PHE A 214 -13.58 -23.36 -12.31
N PHE A 214 -13.55 -23.35 -12.32
CA PHE A 214 -13.96 -23.47 -13.72
CA PHE A 214 -13.98 -23.44 -13.70
C PHE A 214 -12.72 -23.52 -14.60
C PHE A 214 -12.79 -23.40 -14.66
N HIS A 215 -11.73 -22.69 -14.33
CA HIS A 215 -10.57 -22.62 -15.22
C HIS A 215 -9.93 -23.99 -15.39
N LEU A 216 -9.77 -24.72 -14.29
CA LEU A 216 -9.18 -26.06 -14.31
C LEU A 216 -10.03 -27.05 -15.06
N GLN A 217 -11.35 -26.90 -15.03
CA GLN A 217 -12.22 -27.77 -15.82
C GLN A 217 -11.96 -27.60 -17.31
N ALA A 218 -11.77 -26.36 -17.76
CA ALA A 218 -11.54 -26.15 -19.18
C ALA A 218 -10.08 -26.47 -19.56
N ASN A 219 -9.12 -25.99 -18.77
CA ASN A 219 -7.70 -26.08 -19.14
C ASN A 219 -7.09 -27.45 -18.80
N HIS A 220 -7.56 -28.14 -17.75
CA HIS A 220 -7.07 -29.47 -17.37
C HIS A 220 -8.22 -30.48 -17.31
N PRO A 221 -8.91 -30.70 -18.41
CA PRO A 221 -10.18 -31.45 -18.35
C PRO A 221 -10.06 -32.89 -17.81
N ASP A 222 -8.89 -33.50 -17.85
CA ASP A 222 -8.69 -34.89 -17.44
C ASP A 222 -8.06 -35.02 -16.06
N ALA A 223 -7.81 -33.92 -15.36
CA ALA A 223 -7.08 -33.98 -14.10
C ALA A 223 -8.06 -34.06 -12.93
N GLN A 224 -8.19 -35.27 -12.37
CA GLN A 224 -9.12 -35.51 -11.28
C GLN A 224 -8.56 -34.99 -9.95
N TYR A 225 -9.42 -34.36 -9.19
CA TYR A 225 -9.11 -33.89 -7.85
C TYR A 225 -8.13 -32.73 -7.87
N LEU A 226 -7.85 -32.13 -9.03
CA LEU A 226 -6.83 -31.11 -9.11
C LEU A 226 -7.23 -29.89 -8.28
N PHE A 227 -8.50 -29.46 -8.33
CA PHE A 227 -8.88 -28.29 -7.55
C PHE A 227 -8.71 -28.51 -6.06
N PRO A 228 -9.28 -29.56 -5.45
CA PRO A 228 -8.99 -29.79 -4.03
C PRO A 228 -7.51 -29.98 -3.72
N LYS A 229 -6.73 -30.53 -4.65
CA LYS A 229 -5.30 -30.68 -4.42
C LYS A 229 -4.67 -29.31 -4.24
N LEU A 230 -5.11 -28.33 -5.02
CA LEU A 230 -4.56 -27.01 -4.92
C LEU A 230 -5.01 -26.30 -3.64
N LEU A 231 -6.20 -26.62 -3.12
CA LEU A 231 -6.57 -26.02 -1.85
C LEU A 231 -5.67 -26.55 -0.75
N GLN A 232 -5.39 -27.86 -0.78
CA GLN A 232 -4.42 -28.39 0.15
C GLN A 232 -3.05 -27.73 -0.06
N LYS A 233 -2.63 -27.52 -1.32
CA LYS A 233 -1.32 -26.85 -1.49
C LYS A 233 -1.34 -25.49 -0.84
N MET A 234 -2.47 -24.78 -0.86
CA MET A 234 -2.51 -23.48 -0.22
C MET A 234 -2.37 -23.62 1.28
N ALA A 235 -2.97 -24.66 1.84
CA ALA A 235 -2.78 -24.90 3.27
C ALA A 235 -1.35 -25.30 3.55
N ASP A 236 -0.78 -26.13 2.68
CA ASP A 236 0.61 -26.57 2.85
C ASP A 236 1.55 -25.38 2.87
N LEU A 237 1.28 -24.37 2.03
CA LEU A 237 2.13 -23.19 1.95
C LEU A 237 2.11 -22.39 3.22
N ARG A 238 0.98 -22.40 3.93
CA ARG A 238 0.93 -21.68 5.19
C ARG A 238 1.91 -22.30 6.16
N GLN A 239 1.96 -23.63 6.19
CA GLN A 239 2.84 -24.32 7.10
C GLN A 239 4.28 -24.09 6.65
N LEU A 240 4.51 -24.05 5.36
CA LEU A 240 5.88 -23.84 4.88
C LEU A 240 6.38 -22.48 5.30
N VAL A 241 5.49 -21.50 5.34
CA VAL A 241 5.87 -20.17 5.72
C VAL A 241 5.99 -20.03 7.23
N THR A 242 5.13 -20.73 7.99
CA THR A 242 5.36 -20.81 9.43
C THR A 242 6.78 -21.32 9.75
N GLU A 243 7.18 -22.42 9.12
CA GLU A 243 8.50 -22.97 9.39
C GLU A 243 9.57 -21.98 8.96
N HIS A 244 9.38 -21.36 7.81
CA HIS A 244 10.34 -20.41 7.31
C HIS A 244 10.52 -19.26 8.28
N ALA A 245 9.42 -18.71 8.76
CA ALA A 245 9.54 -17.62 9.73
C ALA A 245 10.27 -18.08 10.98
N GLN A 246 9.98 -19.30 11.43
CA GLN A 246 10.69 -19.84 12.59
C GLN A 246 12.20 -19.90 12.33
N MET A 247 12.60 -20.28 11.13
CA MET A 247 14.01 -20.38 10.82
C MET A 247 14.60 -19.00 10.72
N MET A 248 13.81 -18.05 10.24
CA MET A 248 14.30 -16.69 10.14
C MET A 248 14.49 -16.11 11.51
N GLN A 249 13.60 -16.43 12.46
CA GLN A 249 13.81 -15.97 13.83
C GLN A 249 15.12 -16.51 14.37
N ARG A 250 15.43 -17.76 14.05
CA ARG A 250 16.67 -18.35 14.55
C ARG A 250 17.87 -17.68 13.89
N ILE A 251 17.78 -17.33 12.61
CA ILE A 251 18.87 -16.60 11.96
C ILE A 251 19.07 -15.23 12.61
N LYS A 252 17.98 -14.51 12.89
CA LYS A 252 18.07 -13.25 13.62
C LYS A 252 18.75 -13.42 14.98
N LYS A 253 18.47 -14.53 15.66
CA LYS A 253 18.97 -14.70 17.02
C LYS A 253 20.44 -15.09 17.03
N THR A 254 20.85 -15.97 16.11
CA THR A 254 22.16 -16.61 16.17
C THR A 254 23.17 -16.06 15.15
N GLU A 255 22.71 -15.44 14.07
CA GLU A 255 23.58 -14.88 13.01
C GLU A 255 23.50 -13.36 13.04
N THR A 256 24.11 -12.79 14.06
CA THR A 256 23.98 -11.36 14.34
C THR A 256 24.75 -10.50 13.36
N GLU A 257 25.77 -11.05 12.71
CA GLU A 257 26.51 -10.34 11.68
C GLU A 257 25.77 -10.30 10.36
N THR A 258 24.72 -11.11 10.22
CA THR A 258 23.95 -11.18 8.98
C THR A 258 22.90 -10.07 8.95
N SER A 259 22.94 -9.25 7.90
CA SER A 259 22.01 -8.13 7.76
C SER A 259 20.68 -8.65 7.20
N LEU A 260 19.59 -8.09 7.69
N LEU A 260 19.56 -8.18 7.75
CA LEU A 260 18.25 -8.48 7.26
CA LEU A 260 18.26 -8.52 7.19
C LEU A 260 17.58 -7.26 6.67
C LEU A 260 17.65 -7.25 6.63
N HIS A 261 17.16 -7.35 5.41
CA HIS A 261 16.59 -6.21 4.73
C HIS A 261 15.44 -5.64 5.57
N PRO A 262 15.33 -4.31 5.67
CA PRO A 262 14.30 -3.74 6.55
C PRO A 262 12.87 -4.09 6.13
N LEU A 263 12.62 -4.28 4.85
CA LEU A 263 11.24 -4.56 4.44
C LEU A 263 10.80 -5.91 4.93
N LEU A 264 11.71 -6.88 4.88
CA LEU A 264 11.39 -8.19 5.41
C LEU A 264 11.31 -8.16 6.93
N GLN A 265 12.15 -7.35 7.57
CA GLN A 265 11.97 -7.06 9.00
C GLN A 265 10.54 -6.64 9.30
N GLU A 266 10.00 -5.70 8.50
N GLU A 266 10.00 -5.70 8.50
CA GLU A 266 8.63 -5.24 8.75
CA GLU A 266 8.62 -5.25 8.77
C GLU A 266 7.61 -6.36 8.54
C GLU A 266 7.61 -6.37 8.55
N ILE A 267 7.91 -7.29 7.64
CA ILE A 267 7.04 -8.42 7.39
C ILE A 267 7.01 -9.40 8.56
N TYR A 268 8.16 -9.64 9.20
CA TYR A 268 8.24 -10.65 10.29
C TYR A 268 7.86 -10.14 11.68
N LYS A 269 7.86 -8.82 11.92
CA LYS A 269 7.50 -8.28 13.25
C LYS A 269 6.43 -9.11 13.97
N ASP A 270 5.33 -9.42 13.29
CA ASP A 270 4.14 -9.91 13.97
C ASP A 270 3.96 -11.43 13.90
N MET A 271 4.46 -12.11 12.88
CA MET A 271 4.23 -13.56 12.73
C MET A 271 4.49 -14.35 14.01
N ALA B 4 15.65 18.00 -11.46
CA ALA B 4 14.43 18.21 -10.70
C ALA B 4 13.80 19.58 -11.00
N ASP B 5 12.97 19.63 -12.05
CA ASP B 5 12.37 20.88 -12.54
C ASP B 5 11.20 21.29 -11.67
N LEU B 6 11.38 22.30 -10.81
CA LEU B 6 10.38 22.58 -9.79
C LEU B 6 9.10 23.17 -10.38
N LYS B 7 9.20 23.93 -11.46
CA LYS B 7 8.02 24.44 -12.14
C LYS B 7 7.12 23.30 -12.58
N ALA B 8 7.69 22.31 -13.29
CA ALA B 8 6.91 21.18 -13.77
C ALA B 8 6.38 20.35 -12.61
N PHE B 9 7.23 20.10 -11.62
CA PHE B 9 6.82 19.39 -10.43
C PHE B 9 5.60 20.04 -9.81
N SER B 10 5.64 21.36 -9.62
CA SER B 10 4.49 22.02 -8.99
C SER B 10 3.21 21.78 -9.79
N LYS B 11 3.30 21.90 -11.12
CA LYS B 11 2.11 21.82 -11.96
C LYS B 11 1.57 20.40 -12.05
N HIS B 12 2.44 19.39 -12.00
CA HIS B 12 1.97 18.00 -11.88
C HIS B 12 1.15 17.82 -10.60
N ILE B 13 1.67 18.32 -9.47
CA ILE B 13 0.97 18.25 -8.20
C ILE B 13 -0.37 18.98 -8.27
N TYR B 14 -0.37 20.14 -8.90
CA TYR B 14 -1.59 20.94 -9.03
C TYR B 14 -2.64 20.18 -9.82
N ASN B 15 -2.22 19.57 -10.95
CA ASN B 15 -3.18 18.84 -11.78
C ASN B 15 -3.75 17.64 -11.04
N ALA B 16 -2.90 16.91 -10.31
CA ALA B 16 -3.31 15.77 -9.53
C ALA B 16 -4.26 16.14 -8.40
N TYR B 17 -4.09 17.34 -7.85
CA TYR B 17 -5.00 17.89 -6.86
C TYR B 17 -6.37 18.22 -7.49
N LEU B 18 -6.36 18.85 -8.66
CA LEU B 18 -7.60 19.08 -9.38
C LEU B 18 -8.25 17.79 -9.84
N LYS B 19 -7.46 16.79 -10.19
N LYS B 19 -7.47 16.79 -10.18
CA LYS B 19 -8.04 15.54 -10.66
CA LYS B 19 -8.05 15.54 -10.65
C LYS B 19 -8.73 14.79 -9.52
C LYS B 19 -8.72 14.77 -9.52
N ASN B 20 -8.24 14.93 -8.29
CA ASN B 20 -8.67 14.08 -7.18
C ASN B 20 -9.55 14.73 -6.12
N PHE B 21 -9.68 16.05 -6.07
CA PHE B 21 -10.59 16.68 -5.12
C PHE B 21 -11.72 17.38 -5.89
N ASN B 22 -12.95 16.91 -5.73
CA ASN B 22 -14.04 17.54 -6.50
C ASN B 22 -14.30 18.96 -5.98
N MET B 23 -14.24 19.17 -4.69
CA MET B 23 -14.40 20.52 -4.16
C MET B 23 -13.04 21.20 -4.09
N THR B 24 -12.88 22.30 -4.81
CA THR B 24 -11.70 23.15 -4.73
C THR B 24 -12.05 24.45 -4.04
N LYS B 25 -11.00 25.17 -3.60
CA LYS B 25 -11.21 26.44 -2.92
C LYS B 25 -11.83 27.45 -3.85
N LYS B 26 -11.42 27.44 -5.13
CA LYS B 26 -12.07 28.28 -6.12
C LYS B 26 -13.57 27.98 -6.22
N LYS B 27 -13.94 26.71 -6.34
CA LYS B 27 -15.36 26.38 -6.43
C LYS B 27 -16.07 26.80 -5.15
N ALA B 28 -15.45 26.48 -4.01
CA ALA B 28 -15.99 26.83 -2.69
C ALA B 28 -16.25 28.32 -2.57
N ARG B 29 -15.22 29.14 -2.82
CA ARG B 29 -15.41 30.57 -2.66
C ARG B 29 -16.44 31.09 -3.65
N SER B 30 -16.52 30.49 -4.83
CA SER B 30 -17.57 30.81 -5.79
C SER B 30 -18.97 30.62 -5.20
N ILE B 31 -19.16 29.55 -4.41
CA ILE B 31 -20.42 29.35 -3.70
C ILE B 31 -20.56 30.36 -2.56
N LEU B 32 -19.56 30.44 -1.68
CA LEU B 32 -19.68 31.21 -0.46
C LEU B 32 -19.80 32.70 -0.69
N THR B 33 -19.48 33.16 -1.89
CA THR B 33 -19.73 34.52 -2.33
C THR B 33 -20.92 34.54 -3.28
N GLY B 34 -21.23 35.72 -3.80
CA GLY B 34 -22.33 35.88 -4.73
C GLY B 34 -22.28 34.91 -5.90
N ALA B 40 -28.00 29.53 -4.06
CA ALA B 40 -27.28 29.56 -2.78
C ALA B 40 -27.41 28.19 -2.09
N PRO B 41 -26.60 27.96 -1.06
CA PRO B 41 -26.70 26.71 -0.31
C PRO B 41 -27.79 26.82 0.74
N PHE B 42 -28.44 25.69 1.01
CA PHE B 42 -29.46 25.61 2.05
C PHE B 42 -28.81 25.70 3.41
N VAL B 43 -29.26 26.61 4.25
CA VAL B 43 -28.61 26.82 5.53
C VAL B 43 -29.19 25.85 6.55
N ILE B 44 -28.30 25.10 7.20
CA ILE B 44 -28.63 24.21 8.28
C ILE B 44 -28.16 24.86 9.57
N HIS B 45 -29.08 25.20 10.42
CA HIS B 45 -28.75 25.87 11.66
C HIS B 45 -29.52 25.33 12.86
N ASP B 46 -30.35 24.30 12.67
CA ASP B 46 -31.10 23.70 13.77
C ASP B 46 -31.64 22.34 13.30
N ILE B 47 -32.39 21.68 14.18
CA ILE B 47 -32.84 20.31 13.88
C ILE B 47 -33.75 20.33 12.66
N GLU B 48 -34.66 21.30 12.60
CA GLU B 48 -35.64 21.29 11.53
C GLU B 48 -34.95 21.45 10.18
N THR B 49 -33.99 22.37 10.10
CA THR B 49 -33.33 22.59 8.83
C THR B 49 -32.42 21.42 8.49
N LEU B 50 -31.79 20.80 9.50
CA LEU B 50 -31.04 19.60 9.21
C LEU B 50 -31.94 18.49 8.71
N TRP B 51 -33.13 18.34 9.29
CA TRP B 51 -34.07 17.34 8.78
C TRP B 51 -34.45 17.65 7.34
N GLN B 52 -34.90 18.89 7.09
CA GLN B 52 -35.19 19.31 5.73
C GLN B 52 -34.01 19.04 4.81
N ALA B 53 -32.79 19.21 5.29
CA ALA B 53 -31.64 18.99 4.44
C ALA B 53 -31.44 17.50 4.16
N GLU B 54 -31.76 16.64 5.12
CA GLU B 54 -31.60 15.20 4.93
C GLU B 54 -32.63 14.65 3.95
N LYS B 55 -33.69 15.40 3.66
N LYS B 55 -33.70 15.39 3.68
CA LYS B 55 -34.66 14.98 2.66
CA LYS B 55 -34.67 15.00 2.67
C LYS B 55 -34.49 15.69 1.33
C LYS B 55 -34.41 15.67 1.33
N GLY B 56 -33.99 16.92 1.35
CA GLY B 56 -33.85 17.71 0.15
C GLY B 56 -32.51 17.65 -0.51
N LEU B 57 -31.42 17.55 0.27
CA LEU B 57 -30.06 17.60 -0.24
C LEU B 57 -29.49 16.23 -0.59
N VAL B 58 -28.71 16.19 -1.67
CA VAL B 58 -28.03 14.98 -2.12
C VAL B 58 -26.73 14.84 -1.35
N TRP B 59 -26.63 13.76 -0.59
CA TRP B 59 -25.42 13.47 0.17
C TRP B 59 -24.69 12.30 -0.49
N LYS B 60 -23.36 12.33 -0.42
CA LYS B 60 -22.56 11.22 -0.97
C LYS B 60 -22.86 9.92 -0.23
N GLN B 61 -22.96 9.96 1.10
CA GLN B 61 -23.33 8.80 1.88
C GLN B 61 -24.82 8.87 2.19
N LEU B 62 -25.58 7.85 1.81
CA LEU B 62 -27.03 7.84 2.05
C LEU B 62 -27.34 7.63 3.53
N VAL B 63 -28.36 8.35 4.01
CA VAL B 63 -28.62 8.39 5.45
C VAL B 63 -28.98 6.99 5.95
N ASN B 64 -29.69 6.23 5.12
CA ASN B 64 -30.00 4.87 5.49
C ASN B 64 -28.72 4.10 5.79
N GLY B 65 -27.64 4.42 5.08
CA GLY B 65 -26.37 3.77 5.32
C GLY B 65 -25.67 4.19 6.59
N LEU B 66 -26.12 5.24 7.24
CA LEU B 66 -25.55 5.58 8.53
C LEU B 66 -26.29 4.86 9.65
N PRO B 67 -25.73 4.86 10.86
CA PRO B 67 -26.41 4.26 12.01
C PRO B 67 -27.72 4.97 12.31
N PRO B 68 -28.61 4.32 13.06
CA PRO B 68 -29.97 4.85 13.24
C PRO B 68 -30.00 6.07 14.15
N TYR B 69 -30.69 7.11 13.70
CA TYR B 69 -30.65 8.39 14.42
C TYR B 69 -31.00 8.22 15.88
N LYS B 70 -30.03 8.56 16.75
CA LYS B 70 -30.28 8.65 18.20
C LYS B 70 -30.41 10.10 18.65
N GLU B 71 -29.50 10.95 18.18
CA GLU B 71 -29.55 12.34 18.56
C GLU B 71 -28.78 13.14 17.54
N ILE B 72 -29.09 14.45 17.49
CA ILE B 72 -28.56 15.33 16.47
C ILE B 72 -27.05 15.43 16.58
N SER B 73 -26.52 15.44 17.80
CA SER B 73 -25.08 15.62 17.99
C SER B 73 -24.32 14.44 17.43
N VAL B 74 -24.85 13.23 17.65
CA VAL B 74 -24.21 12.01 17.16
C VAL B 74 -24.42 11.89 15.67
N HIS B 75 -25.59 12.26 15.20
CA HIS B 75 -25.83 12.23 13.76
C HIS B 75 -24.87 13.16 13.03
N VAL B 76 -24.70 14.40 13.51
CA VAL B 76 -23.76 15.33 12.91
C VAL B 76 -22.36 14.73 12.92
N PHE B 77 -22.01 14.09 14.02
CA PHE B 77 -20.69 13.45 14.12
C PHE B 77 -20.53 12.37 13.06
N TYR B 78 -21.58 11.58 12.82
CA TYR B 78 -21.53 10.60 11.73
C TYR B 78 -21.28 11.24 10.36
N ARG B 79 -21.97 12.33 10.05
CA ARG B 79 -21.71 13.01 8.78
C ARG B 79 -20.28 13.53 8.70
N CYS B 80 -19.77 14.05 9.79
CA CYS B 80 -18.36 14.45 9.80
C CYS B 80 -17.47 13.27 9.47
N GLN B 81 -17.75 12.13 10.11
CA GLN B 81 -17.01 10.89 9.92
C GLN B 81 -17.09 10.42 8.48
N CYS B 82 -18.29 10.49 7.88
CA CYS B 82 -18.43 10.14 6.47
C CYS B 82 -17.54 10.98 5.58
N THR B 83 -17.60 12.30 5.74
CA THR B 83 -16.81 13.15 4.87
C THR B 83 -15.31 12.98 5.14
N THR B 84 -14.92 12.78 6.40
N THR B 84 -14.91 12.76 6.40
CA THR B 84 -13.52 12.47 6.71
CA THR B 84 -13.49 12.50 6.67
C THR B 84 -13.02 11.29 5.88
C THR B 84 -13.01 11.28 5.89
N VAL B 85 -13.77 10.20 5.93
CA VAL B 85 -13.37 8.96 5.25
C VAL B 85 -13.33 9.16 3.75
N GLU B 86 -14.30 9.90 3.21
N GLU B 86 -14.30 9.90 3.20
CA GLU B 86 -14.29 10.24 1.80
CA GLU B 86 -14.23 10.20 1.77
C GLU B 86 -13.01 11.02 1.44
C GLU B 86 -13.00 11.03 1.42
N THR B 87 -12.58 11.93 2.31
CA THR B 87 -11.43 12.74 2.01
C THR B 87 -10.16 11.91 2.17
N VAL B 88 -10.14 10.92 3.08
CA VAL B 88 -9.01 9.98 3.10
C VAL B 88 -8.90 9.28 1.77
N ARG B 89 -10.04 8.89 1.19
CA ARG B 89 -9.99 8.24 -0.11
C ARG B 89 -9.37 9.15 -1.16
N GLU B 90 -9.75 10.44 -1.15
CA GLU B 90 -9.20 11.35 -2.16
C GLU B 90 -7.71 11.58 -1.93
N LEU B 91 -7.31 11.71 -0.66
CA LEU B 91 -5.92 12.01 -0.35
C LEU B 91 -5.03 10.84 -0.75
N THR B 92 -5.53 9.63 -0.57
CA THR B 92 -4.82 8.43 -1.02
C THR B 92 -4.57 8.50 -2.53
N GLU B 93 -5.60 8.86 -3.31
CA GLU B 93 -5.38 8.86 -4.75
C GLU B 93 -4.55 10.05 -5.19
N PHE B 94 -4.69 11.19 -4.50
CA PHE B 94 -3.83 12.32 -4.78
C PHE B 94 -2.36 11.98 -4.47
N ALA B 95 -2.10 11.31 -3.34
CA ALA B 95 -0.75 10.96 -2.95
C ALA B 95 -0.12 10.01 -3.95
N LYS B 96 -0.89 9.02 -4.40
CA LYS B 96 -0.40 8.09 -5.40
C LYS B 96 -0.16 8.75 -6.77
N SER B 97 -0.76 9.93 -7.01
CA SER B 97 -0.52 10.66 -8.24
C SER B 97 0.81 11.37 -8.23
N ILE B 98 1.52 11.30 -7.11
CA ILE B 98 2.88 11.83 -7.02
C ILE B 98 3.83 10.65 -7.26
N PRO B 99 4.50 10.58 -8.40
CA PRO B 99 5.31 9.38 -8.69
C PRO B 99 6.26 8.96 -7.58
N SER B 100 6.95 9.92 -6.91
CA SER B 100 7.87 9.53 -5.84
C SER B 100 7.15 8.90 -4.65
N PHE B 101 5.89 9.24 -4.42
CA PHE B 101 5.12 8.57 -3.38
C PHE B 101 4.84 7.11 -3.74
N SER B 102 4.27 6.87 -4.92
CA SER B 102 3.93 5.52 -5.36
C SER B 102 5.15 4.61 -5.48
N SER B 103 6.36 5.19 -5.49
CA SER B 103 7.59 4.41 -5.51
C SER B 103 8.03 3.96 -4.14
N LEU B 104 7.50 4.58 -3.09
CA LEU B 104 7.67 4.04 -1.75
C LEU B 104 7.02 2.68 -1.66
N PHE B 105 7.58 1.81 -0.84
CA PHE B 105 6.88 0.57 -0.58
C PHE B 105 5.54 0.90 0.05
N LEU B 106 4.56 0.04 -0.23
CA LEU B 106 3.20 0.30 0.20
C LEU B 106 3.11 0.53 1.70
N ASN B 107 3.91 -0.17 2.49
CA ASN B 107 3.81 0.02 3.93
C ASN B 107 4.16 1.45 4.33
N ASP B 108 5.17 2.02 3.69
CA ASP B 108 5.45 3.43 3.98
C ASP B 108 4.36 4.35 3.46
N GLN B 109 3.75 4.02 2.33
CA GLN B 109 2.61 4.81 1.90
C GLN B 109 1.52 4.85 2.97
N VAL B 110 1.23 3.69 3.57
CA VAL B 110 0.21 3.64 4.62
C VAL B 110 0.64 4.45 5.83
N THR B 111 1.91 4.34 6.24
CA THR B 111 2.37 5.12 7.37
C THR B 111 2.19 6.60 7.12
N LEU B 112 2.47 7.05 5.91
CA LEU B 112 2.39 8.48 5.65
C LEU B 112 0.93 8.94 5.68
N LEU B 113 0.05 8.22 5.03
CA LEU B 113 -1.36 8.58 5.10
C LEU B 113 -1.91 8.44 6.51
N LYS B 114 -1.60 7.34 7.19
CA LYS B 114 -2.08 7.20 8.55
C LYS B 114 -1.82 8.46 9.36
N TYR B 115 -0.58 8.99 9.31
CA TYR B 115 -0.24 10.08 10.21
C TYR B 115 -0.41 11.46 9.60
N GLY B 116 -0.74 11.53 8.32
CA GLY B 116 -0.83 12.79 7.62
C GLY B 116 -2.26 13.21 7.24
N VAL B 117 -3.22 12.28 7.12
CA VAL B 117 -4.47 12.66 6.42
C VAL B 117 -5.23 13.70 7.23
N HIS B 118 -5.25 13.53 8.54
CA HIS B 118 -5.99 14.51 9.36
C HIS B 118 -5.36 15.89 9.31
N GLU B 119 -4.01 15.99 9.36
CA GLU B 119 -3.42 17.32 9.18
C GLU B 119 -3.84 17.91 7.83
N ALA B 120 -3.85 17.09 6.81
CA ALA B 120 -4.25 17.57 5.50
C ALA B 120 -5.72 17.94 5.47
N ILE B 121 -6.56 17.14 6.10
CA ILE B 121 -7.99 17.43 6.10
C ILE B 121 -8.27 18.77 6.77
N PHE B 122 -7.68 19.01 7.93
CA PHE B 122 -7.99 20.23 8.63
C PHE B 122 -7.36 21.45 7.95
N ALA B 123 -6.39 21.23 7.07
CA ALA B 123 -5.84 22.31 6.28
C ALA B 123 -6.76 22.61 5.10
N MET B 124 -7.28 21.56 4.42
CA MET B 124 -8.19 21.75 3.31
C MET B 124 -9.55 22.22 3.79
N LEU B 125 -9.91 21.84 5.02
CA LEU B 125 -11.17 22.28 5.58
C LEU B 125 -11.36 23.78 5.41
N ALA B 126 -10.29 24.54 5.57
CA ALA B 126 -10.39 26.00 5.46
C ALA B 126 -10.94 26.44 4.11
N SER B 127 -10.75 25.65 3.06
CA SER B 127 -11.23 26.04 1.75
C SER B 127 -12.76 26.14 1.70
N ILE B 128 -13.47 25.41 2.56
CA ILE B 128 -14.95 25.36 2.50
C ILE B 128 -15.57 26.07 3.71
N VAL B 129 -14.78 26.86 4.42
CA VAL B 129 -15.15 27.51 5.66
C VAL B 129 -15.13 29.02 5.49
N ASN B 130 -16.08 29.70 6.13
CA ASN B 130 -15.91 31.10 6.53
C ASN B 130 -16.22 31.16 8.02
N LYS B 131 -16.21 32.37 8.60
CA LYS B 131 -16.37 32.47 10.05
C LYS B 131 -17.77 32.11 10.51
N ASP B 132 -18.74 31.99 9.60
CA ASP B 132 -20.11 31.68 9.99
C ASP B 132 -20.50 30.21 9.80
N GLY B 133 -19.66 29.40 9.16
CA GLY B 133 -19.95 27.98 8.98
C GLY B 133 -19.13 27.40 7.83
N LEU B 134 -19.66 26.34 7.23
CA LEU B 134 -18.93 25.64 6.18
C LEU B 134 -19.89 24.95 5.25
N LEU B 135 -19.41 24.71 4.04
CA LEU B 135 -20.18 23.98 3.04
C LEU B 135 -20.24 22.50 3.34
N VAL B 136 -21.42 21.92 3.10
CA VAL B 136 -21.62 20.48 3.15
C VAL B 136 -22.33 20.01 1.88
N ALA B 137 -22.34 18.69 1.70
CA ALA B 137 -23.00 18.04 0.58
C ALA B 137 -22.60 18.68 -0.75
N ASN B 138 -21.30 18.61 -1.03
CA ASN B 138 -20.76 19.13 -2.28
C ASN B 138 -21.17 20.59 -2.52
N GLY B 139 -21.33 21.38 -1.44
CA GLY B 139 -21.65 22.79 -1.59
C GLY B 139 -23.14 23.08 -1.67
N SER B 140 -23.96 22.05 -1.63
CA SER B 140 -25.39 22.27 -1.71
C SER B 140 -26.00 22.75 -0.39
N GLY B 141 -25.31 22.65 0.74
CA GLY B 141 -25.78 23.23 1.96
C GLY B 141 -24.67 23.94 2.71
N PHE B 142 -25.06 24.59 3.79
CA PHE B 142 -24.13 25.37 4.59
C PHE B 142 -24.55 25.27 6.04
N VAL B 143 -23.69 24.67 6.85
CA VAL B 143 -23.97 24.40 8.26
C VAL B 143 -23.34 25.50 9.07
N THR B 144 -24.12 26.12 9.96
CA THR B 144 -23.59 27.26 10.67
C THR B 144 -22.68 26.84 11.83
N ARG B 145 -21.63 27.63 12.03
CA ARG B 145 -20.74 27.42 13.16
C ARG B 145 -21.52 27.48 14.48
N GLU B 146 -22.50 28.36 14.55
CA GLU B 146 -23.32 28.50 15.76
C GLU B 146 -24.07 27.21 16.08
N PHE B 147 -24.67 26.58 15.08
CA PHE B 147 -25.32 25.30 15.28
C PHE B 147 -24.33 24.23 15.77
N LEU B 148 -23.18 24.11 15.11
CA LEU B 148 -22.19 23.15 15.59
C LEU B 148 -21.77 23.44 17.01
N ARG B 149 -21.68 24.72 17.38
CA ARG B 149 -21.31 25.07 18.75
C ARG B 149 -22.36 24.60 19.74
N SER B 150 -23.60 24.52 19.29
CA SER B 150 -24.74 24.21 20.13
C SER B 150 -24.84 22.74 20.46
N LEU B 151 -24.02 21.89 19.83
CA LEU B 151 -24.15 20.46 20.06
C LEU B 151 -23.68 20.11 21.47
N ARG B 152 -24.12 18.95 21.94
CA ARG B 152 -23.81 18.59 23.30
C ARG B 152 -22.35 18.16 23.37
N LYS B 153 -21.75 18.40 24.52
CA LYS B 153 -20.38 18.00 24.71
C LYS B 153 -20.46 16.48 24.70
N PRO B 154 -19.45 15.81 24.15
CA PRO B 154 -18.16 16.33 23.67
C PRO B 154 -18.09 16.72 22.18
N PHE B 155 -19.22 16.73 21.51
CA PHE B 155 -19.21 16.86 20.07
C PHE B 155 -18.98 18.29 19.63
N SER B 156 -19.42 19.26 20.42
CA SER B 156 -19.17 20.65 20.06
C SER B 156 -17.69 21.00 20.21
N ASP B 157 -17.03 20.43 21.21
CA ASP B 157 -15.64 20.79 21.51
C ASP B 157 -14.68 20.30 20.45
N ILE B 158 -15.00 19.19 19.78
CA ILE B 158 -14.13 18.69 18.72
C ILE B 158 -14.21 19.51 17.44
N ILE B 159 -15.17 20.43 17.33
CA ILE B 159 -15.45 21.15 16.09
C ILE B 159 -14.84 22.54 16.11
N GLU B 160 -15.09 23.30 17.18
CA GLU B 160 -14.71 24.71 17.14
C GLU B 160 -13.21 24.94 16.94
N PRO B 161 -12.29 24.15 17.52
CA PRO B 161 -10.86 24.39 17.28
C PRO B 161 -10.48 24.40 15.83
N LYS B 162 -11.17 23.60 15.00
CA LYS B 162 -10.94 23.57 13.56
C LYS B 162 -11.33 24.88 12.90
N PHE B 163 -12.45 25.48 13.30
CA PHE B 163 -12.77 26.81 12.81
C PHE B 163 -11.72 27.82 13.21
N GLU B 164 -11.31 27.82 14.49
CA GLU B 164 -10.29 28.76 14.93
C GLU B 164 -9.08 28.70 14.00
N PHE B 165 -8.59 27.49 13.73
CA PHE B 165 -7.43 27.34 12.87
C PHE B 165 -7.74 27.80 11.46
N ALA B 166 -8.91 27.43 10.93
CA ALA B 166 -9.22 27.67 9.53
C ALA B 166 -9.29 29.15 9.21
N VAL B 167 -9.93 29.96 10.06
CA VAL B 167 -10.09 31.38 9.78
C VAL B 167 -8.72 32.08 9.77
N LYS B 168 -7.84 31.74 10.70
CA LYS B 168 -6.46 32.21 10.62
C LYS B 168 -5.78 31.72 9.34
N PHE B 169 -5.99 30.46 8.99
CA PHE B 169 -5.35 29.93 7.80
C PHE B 169 -5.83 30.65 6.53
N ASN B 170 -7.14 30.99 6.47
CA ASN B 170 -7.71 31.69 5.32
C ASN B 170 -7.17 33.09 5.16
N ALA B 171 -6.62 33.65 6.23
CA ALA B 171 -5.99 34.97 6.14
C ALA B 171 -4.71 34.97 5.32
N LEU B 172 -4.11 33.80 5.06
CA LEU B 172 -2.93 33.74 4.20
C LEU B 172 -3.28 33.80 2.72
N GLU B 173 -4.54 33.56 2.38
CA GLU B 173 -5.03 33.73 1.02
C GLU B 173 -4.29 32.84 0.02
N LEU B 174 -4.19 31.56 0.35
CA LEU B 174 -3.70 30.59 -0.62
C LEU B 174 -4.74 30.32 -1.68
N ASP B 175 -4.29 30.01 -2.90
CA ASP B 175 -5.18 29.44 -3.90
C ASP B 175 -4.90 27.95 -3.98
N ASP B 176 -5.64 27.26 -4.83
CA ASP B 176 -5.54 25.82 -4.92
C ASP B 176 -4.15 25.38 -5.39
N SER B 177 -3.54 26.15 -6.28
CA SER B 177 -2.18 25.80 -6.70
C SER B 177 -1.21 25.78 -5.53
N ASP B 178 -1.39 26.69 -4.55
CA ASP B 178 -0.58 26.68 -3.35
C ASP B 178 -0.95 25.50 -2.46
N LEU B 179 -2.25 25.28 -2.26
CA LEU B 179 -2.68 24.21 -1.37
C LEU B 179 -2.22 22.86 -1.85
N ALA B 180 -2.13 22.68 -3.16
CA ALA B 180 -1.74 21.38 -3.68
C ALA B 180 -0.35 21.01 -3.20
N LEU B 181 0.54 21.99 -3.23
CA LEU B 181 1.91 21.75 -2.75
C LEU B 181 1.98 21.64 -1.23
N PHE B 182 1.20 22.46 -0.53
CA PHE B 182 1.19 22.40 0.93
C PHE B 182 0.71 21.04 1.41
N ILE B 183 -0.34 20.51 0.78
CA ILE B 183 -0.88 19.22 1.19
C ILE B 183 0.14 18.12 0.90
N ALA B 184 0.75 18.16 -0.28
CA ALA B 184 1.76 17.17 -0.59
C ALA B 184 2.88 17.20 0.44
N ALA B 185 3.24 18.40 0.93
CA ALA B 185 4.29 18.54 1.96
C ALA B 185 3.85 17.93 3.30
N ILE B 186 2.57 18.05 3.63
CA ILE B 186 2.03 17.42 4.82
C ILE B 186 2.10 15.89 4.73
N ILE B 187 1.80 15.32 3.58
CA ILE B 187 1.75 13.86 3.48
C ILE B 187 3.16 13.29 3.48
N LEU B 188 4.05 13.89 2.69
CA LEU B 188 5.44 13.42 2.54
C LEU B 188 6.28 13.98 3.67
N CYS B 189 6.06 13.44 4.87
CA CYS B 189 6.64 14.00 6.07
C CYS B 189 7.56 12.95 6.66
N GLY B 190 8.84 13.28 6.80
CA GLY B 190 9.79 12.27 7.20
C GLY B 190 9.76 11.93 8.66
N ASP B 191 9.02 12.68 9.46
CA ASP B 191 8.97 12.51 10.91
C ASP B 191 7.90 11.51 11.38
N ARG B 192 7.23 10.79 10.48
CA ARG B 192 6.10 9.96 10.92
C ARG B 192 6.62 8.69 11.60
N PRO B 193 5.96 8.23 12.65
CA PRO B 193 6.45 7.07 13.38
C PRO B 193 6.36 5.80 12.55
N GLY B 194 7.43 5.02 12.60
CA GLY B 194 7.45 3.70 12.03
C GLY B 194 7.81 3.70 10.57
N LEU B 195 8.15 4.85 10.02
CA LEU B 195 8.62 4.90 8.65
C LEU B 195 9.82 4.00 8.48
N MET B 196 9.84 3.32 7.35
CA MET B 196 10.97 2.50 7.00
C MET B 196 12.04 3.34 6.30
N ASN B 197 11.71 3.94 5.15
CA ASN B 197 12.71 4.66 4.39
C ASN B 197 12.65 6.15 4.70
N VAL B 198 13.19 6.51 5.87
CA VAL B 198 13.15 7.90 6.31
C VAL B 198 13.93 8.83 5.37
N PRO B 199 15.15 8.52 4.97
CA PRO B 199 15.87 9.43 4.09
C PRO B 199 15.17 9.69 2.76
N ARG B 200 14.63 8.64 2.15
CA ARG B 200 13.89 8.80 0.90
C ARG B 200 12.69 9.73 1.06
N VAL B 201 11.87 9.52 2.10
CA VAL B 201 10.75 10.44 2.33
C VAL B 201 11.27 11.85 2.62
N GLU B 202 12.31 11.98 3.44
CA GLU B 202 12.86 13.31 3.73
C GLU B 202 13.31 14.02 2.46
N ALA B 203 13.83 13.27 1.50
CA ALA B 203 14.24 13.86 0.23
C ALA B 203 13.03 14.31 -0.60
N ILE B 204 11.96 13.51 -0.67
CA ILE B 204 10.80 13.96 -1.41
C ILE B 204 10.22 15.22 -0.77
N GLN B 205 10.14 15.21 0.56
CA GLN B 205 9.59 16.33 1.28
C GLN B 205 10.36 17.60 0.97
N ASP B 206 11.70 17.50 0.98
CA ASP B 206 12.53 18.65 0.69
C ASP B 206 12.29 19.21 -0.72
N THR B 207 12.08 18.33 -1.71
CA THR B 207 11.80 18.81 -3.07
C THR B 207 10.47 19.55 -3.12
N ILE B 208 9.46 19.01 -2.44
CA ILE B 208 8.16 19.68 -2.40
C ILE B 208 8.29 21.05 -1.74
N LEU B 209 9.00 21.12 -0.60
CA LEU B 209 9.19 22.41 0.08
C LEU B 209 10.00 23.38 -0.78
N ARG B 210 11.03 22.90 -1.47
CA ARG B 210 11.67 23.76 -2.47
C ARG B 210 10.67 24.25 -3.51
N ALA B 211 9.85 23.32 -4.02
CA ALA B 211 8.88 23.69 -5.05
C ALA B 211 7.89 24.70 -4.50
N LEU B 212 7.47 24.48 -3.26
CA LEU B 212 6.53 25.37 -2.62
C LEU B 212 7.10 26.77 -2.50
N GLU B 213 8.37 26.89 -2.14
CA GLU B 213 8.94 28.23 -2.06
C GLU B 213 9.05 28.85 -3.44
N PHE B 214 9.56 28.08 -4.41
CA PHE B 214 9.57 28.51 -5.79
C PHE B 214 8.19 28.98 -6.23
N HIS B 215 7.16 28.26 -5.87
CA HIS B 215 5.83 28.62 -6.38
C HIS B 215 5.30 29.90 -5.74
N LEU B 216 5.42 30.00 -4.42
CA LEU B 216 4.97 31.18 -3.69
C LEU B 216 5.70 32.42 -4.15
N GLN B 217 7.00 32.31 -4.45
CA GLN B 217 7.69 33.49 -4.96
C GLN B 217 7.00 34.02 -6.21
N ALA B 218 6.53 33.11 -7.06
CA ALA B 218 5.88 33.53 -8.30
C ALA B 218 4.44 33.95 -8.06
N ASN B 219 3.68 33.12 -7.35
CA ASN B 219 2.26 33.32 -7.18
C ASN B 219 1.93 34.40 -6.17
N HIS B 220 2.81 34.68 -5.22
CA HIS B 220 2.58 35.70 -4.19
C HIS B 220 3.80 36.62 -4.07
N PRO B 221 4.16 37.33 -5.14
CA PRO B 221 5.44 38.06 -5.12
C PRO B 221 5.53 39.12 -4.03
N ASP B 222 4.41 39.68 -3.61
CA ASP B 222 4.38 40.76 -2.63
C ASP B 222 4.16 40.27 -1.20
N ALA B 223 4.03 38.98 -0.98
CA ALA B 223 3.73 38.48 0.35
C ALA B 223 5.03 38.27 1.12
N GLN B 224 5.08 38.82 2.32
CA GLN B 224 6.26 38.80 3.15
C GLN B 224 6.16 37.67 4.16
N TYR B 225 7.16 36.79 4.14
CA TYR B 225 7.32 35.72 5.10
C TYR B 225 6.29 34.61 4.92
N LEU B 226 5.65 34.52 3.74
CA LEU B 226 4.59 33.54 3.55
C LEU B 226 5.13 32.11 3.66
N PHE B 227 6.29 31.83 3.08
CA PHE B 227 6.86 30.49 3.19
C PHE B 227 7.06 30.11 4.64
N PRO B 228 7.84 30.83 5.44
CA PRO B 228 7.98 30.42 6.85
C PRO B 228 6.66 30.40 7.58
N LYS B 229 5.78 31.34 7.32
CA LYS B 229 4.46 31.25 7.92
C LYS B 229 3.85 29.88 7.66
N LEU B 230 3.94 29.40 6.43
CA LEU B 230 3.36 28.08 6.11
C LEU B 230 4.08 26.94 6.80
N LEU B 231 5.40 27.06 7.00
CA LEU B 231 6.09 26.03 7.78
C LEU B 231 5.57 25.99 9.21
N GLN B 232 5.30 27.14 9.81
CA GLN B 232 4.71 27.16 11.15
C GLN B 232 3.30 26.54 11.16
N LYS B 233 2.51 26.78 10.10
CA LYS B 233 1.18 26.16 10.05
C LYS B 233 1.27 24.65 10.02
N MET B 234 2.30 24.08 9.37
CA MET B 234 2.44 22.63 9.38
C MET B 234 2.71 22.14 10.78
N ALA B 235 3.58 22.85 11.52
CA ALA B 235 3.74 22.53 12.93
C ALA B 235 2.43 22.69 13.69
N ASP B 236 1.65 23.73 13.40
CA ASP B 236 0.43 24.00 14.15
C ASP B 236 -0.59 22.88 13.93
N LEU B 237 -0.65 22.38 12.70
CA LEU B 237 -1.54 21.26 12.38
C LEU B 237 -1.18 20.01 13.16
N ARG B 238 0.11 19.80 13.44
CA ARG B 238 0.47 18.61 14.22
C ARG B 238 -0.17 18.69 15.60
N GLN B 239 -0.09 19.86 16.24
CA GLN B 239 -0.72 20.05 17.54
C GLN B 239 -2.24 19.96 17.45
N LEU B 240 -2.83 20.57 16.42
CA LEU B 240 -4.26 20.43 16.21
C LEU B 240 -4.66 18.97 16.17
N VAL B 241 -3.92 18.18 15.40
CA VAL B 241 -4.32 16.79 15.25
C VAL B 241 -4.07 16.02 16.53
N THR B 242 -3.02 16.36 17.28
CA THR B 242 -2.75 15.68 18.56
C THR B 242 -3.93 15.87 19.49
N GLU B 243 -4.41 17.11 19.58
CA GLU B 243 -5.52 17.42 20.45
C GLU B 243 -6.79 16.77 19.91
N HIS B 244 -6.87 16.63 18.60
CA HIS B 244 -8.04 15.99 18.02
C HIS B 244 -8.04 14.51 18.37
N ALA B 245 -6.92 13.81 18.15
CA ALA B 245 -6.82 12.40 18.52
C ALA B 245 -7.18 12.18 19.97
N GLN B 246 -6.77 13.11 20.83
CA GLN B 246 -7.06 12.91 22.24
C GLN B 246 -8.55 13.06 22.49
N MET B 247 -9.18 14.05 21.86
CA MET B 247 -10.62 14.20 21.95
C MET B 247 -11.34 12.98 21.42
N MET B 248 -10.76 12.32 20.40
CA MET B 248 -11.40 11.14 19.85
C MET B 248 -11.26 9.96 20.79
N GLN B 249 -10.17 9.89 21.55
N GLN B 249 -10.13 9.89 21.51
CA GLN B 249 -10.00 8.76 22.45
CA GLN B 249 -9.92 8.84 22.49
C GLN B 249 -10.95 8.86 23.64
C GLN B 249 -10.99 8.88 23.57
N ARG B 250 -11.29 10.08 24.06
CA ARG B 250 -12.27 10.22 25.11
C ARG B 250 -13.68 9.95 24.58
N ILE B 251 -13.98 10.29 23.33
CA ILE B 251 -15.28 9.90 22.76
C ILE B 251 -15.41 8.38 22.78
N LYS B 252 -14.35 7.69 22.35
CA LYS B 252 -14.36 6.23 22.34
C LYS B 252 -14.63 5.66 23.73
N LYS B 253 -14.16 6.33 24.77
CA LYS B 253 -14.25 5.79 26.12
C LYS B 253 -15.60 6.07 26.77
N THR B 254 -16.14 7.26 26.53
CA THR B 254 -17.34 7.72 27.22
C THR B 254 -18.59 7.53 26.37
N GLU B 255 -18.53 7.83 25.08
CA GLU B 255 -19.69 7.71 24.20
C GLU B 255 -19.76 6.29 23.63
N THR B 256 -19.98 5.34 24.52
CA THR B 256 -19.88 3.93 24.13
C THR B 256 -20.86 3.58 23.01
N GLU B 257 -22.05 4.21 22.98
CA GLU B 257 -23.03 3.90 21.95
C GLU B 257 -22.71 4.51 20.58
N THR B 258 -21.79 5.47 20.49
CA THR B 258 -21.47 6.08 19.21
C THR B 258 -20.53 5.16 18.42
N SER B 259 -20.82 4.99 17.14
CA SER B 259 -20.04 4.11 16.30
C SER B 259 -18.86 4.87 15.71
N LEU B 260 -17.73 4.19 15.56
N LEU B 260 -17.71 4.22 15.60
CA LEU B 260 -16.51 4.80 15.07
CA LEU B 260 -16.51 4.83 15.05
C LEU B 260 -16.04 4.01 13.86
C LEU B 260 -16.06 4.02 13.85
N HIS B 261 -15.88 4.68 12.73
CA HIS B 261 -15.51 4.00 11.50
C HIS B 261 -14.23 3.18 11.68
N PRO B 262 -14.21 1.93 11.20
CA PRO B 262 -13.02 1.09 11.45
C PRO B 262 -11.74 1.64 10.84
N LEU B 263 -11.80 2.26 9.66
CA LEU B 263 -10.62 2.93 9.12
C LEU B 263 -10.10 3.98 10.09
N LEU B 264 -11.00 4.78 10.67
CA LEU B 264 -10.52 5.80 11.57
C LEU B 264 -9.94 5.17 12.83
N GLN B 265 -10.53 4.06 13.30
N GLN B 265 -10.51 4.07 13.31
CA GLN B 265 -10.00 3.33 14.45
CA GLN B 265 -9.93 3.40 14.47
C GLN B 265 -8.57 2.83 14.18
C GLN B 265 -8.53 2.86 14.17
N GLU B 266 -8.30 2.32 12.98
CA GLU B 266 -6.92 1.93 12.61
C GLU B 266 -6.01 3.17 12.66
N ILE B 267 -6.53 4.33 12.23
CA ILE B 267 -5.72 5.53 12.22
C ILE B 267 -5.35 5.95 13.63
N TYR B 268 -6.29 5.82 14.59
CA TYR B 268 -6.07 6.16 16.00
C TYR B 268 -5.51 5.02 16.86
N LYS B 269 -5.25 3.86 16.26
CA LYS B 269 -4.85 2.66 17.02
C LYS B 269 -3.81 2.99 18.08
N ASP B 270 -2.62 3.40 17.64
CA ASP B 270 -1.52 3.61 18.57
C ASP B 270 -1.52 5.00 19.18
N MET B 271 -1.74 6.04 18.36
CA MET B 271 -1.68 7.45 18.77
C MET B 271 -1.93 7.66 20.27
#